data_5VCL
#
_entry.id   5VCL
#
_cell.length_a   67.207
_cell.length_b   75.876
_cell.length_c   105.211
_cell.angle_alpha   90.00
_cell.angle_beta   90.00
_cell.angle_gamma   90.00
#
_symmetry.space_group_name_H-M   'P 21 2 21'
#
loop_
_entity.id
_entity.type
_entity.pdbx_description
1 polymer 'H2-T23 protein'
2 polymer Beta-2-microglobulin
3 polymer 'Qdm peptide'
4 non-polymer GLYCEROL
5 non-polymer 'SODIUM ION'
6 water water
#
loop_
_entity_poly.entity_id
_entity_poly.type
_entity_poly.pdbx_seq_one_letter_code
_entity_poly.pdbx_strand_id
1 'polypeptide(L)'
;MSSHSLRYFHTAMSRPGLGEPRFIVVGYVDDTQFVSFDSDSENPKMEPRARWMEQEGPEYWERETWKARDMGRNFRVNLR
TLLGYYNQSKDESHTLQWMYGCDVGPDGRLLRGYCQEAYDGQDYISLNEDLRSWTATDFASQISKHKSEMVDEAHQQRAY
LQGPCVEWLHTYLRLGNKTLKRSDPPKAHVTHHPRSEDYVTLRCWALGFYPADITLTWQLNGEELTQDMEFVETRPAGDG
NFQKWASVVVPLGKEQNYTCHVEHEGLPEPLTLRWEPP
;
A
2 'polypeptide(L)'
;IQKTPQIQVYSRHPPENGKPNILNCYVTQFHPPHIEIQMLKNGKKIPKVEMSDMSFSKDWSFYILAHTEFTPTETDTYAC
RVKHASMAEPKTVYWDRDM
;
B
3 'polypeptide(L)' AMAPRTLLL P
#
# COMPACT_ATOMS: atom_id res chain seq x y z
N SER A 2 -14.20 15.96 5.04
CA SER A 2 -14.00 15.61 3.59
C SER A 2 -12.58 15.95 3.11
N SER A 3 -11.59 15.26 3.69
CA SER A 3 -10.18 15.61 3.53
C SER A 3 -9.47 14.88 2.41
N HIS A 4 -8.30 15.39 2.07
CA HIS A 4 -7.44 14.75 1.09
C HIS A 4 -6.01 14.82 1.57
N SER A 5 -5.17 13.97 0.98
CA SER A 5 -3.75 13.93 1.34
C SER A 5 -2.86 13.73 0.14
N LEU A 6 -1.69 14.38 0.20
CA LEU A 6 -0.59 14.13 -0.72
C LEU A 6 0.51 13.51 0.12
N ARG A 7 1.00 12.35 -0.31
CA ARG A 7 2.03 11.62 0.46
C ARG A 7 3.08 11.01 -0.45
N TYR A 8 4.33 11.12 -0.02
CA TYR A 8 5.45 10.43 -0.65
C TYR A 8 6.11 9.42 0.29
N PHE A 9 6.47 8.28 -0.28
CA PHE A 9 7.09 7.18 0.38
C PHE A 9 8.41 6.87 -0.35
N HIS A 10 9.54 7.07 0.36
CA HIS A 10 10.89 6.87 -0.16
C HIS A 10 11.57 5.73 0.56
N THR A 11 12.25 4.87 -0.18
CA THR A 11 12.98 3.73 0.38
C THR A 11 14.31 3.53 -0.36
N ALA A 12 15.41 3.50 0.42
CA ALA A 12 16.72 3.06 -0.03
C ALA A 12 17.09 1.76 0.68
N MET A 13 17.49 0.78 -0.09
CA MET A 13 17.79 -0.57 0.38
C MET A 13 19.12 -1.01 -0.22
N SER A 14 20.11 -1.24 0.65
CA SER A 14 21.44 -1.66 0.21
C SER A 14 21.38 -3.13 -0.11
N ARG A 15 22.15 -3.54 -1.13
CA ARG A 15 22.15 -4.92 -1.59
C ARG A 15 23.59 -5.46 -1.56
N PRO A 16 23.97 -6.13 -0.44
CA PRO A 16 25.34 -6.63 -0.32
C PRO A 16 25.66 -7.65 -1.40
N GLY A 17 26.72 -7.42 -2.14
CA GLY A 17 27.12 -8.29 -3.25
C GLY A 17 26.72 -7.72 -4.59
N LEU A 18 25.52 -7.16 -4.68
CA LEU A 18 25.05 -6.46 -5.87
C LEU A 18 25.65 -5.04 -5.87
N GLY A 19 25.11 -4.13 -6.66
CA GLY A 19 25.67 -2.77 -6.78
C GLY A 19 25.23 -1.79 -5.70
N GLU A 20 25.03 -0.53 -6.10
CA GLU A 20 24.58 0.53 -5.19
C GLU A 20 23.19 0.25 -4.59
N PRO A 21 22.85 0.93 -3.50
CA PRO A 21 21.50 0.73 -2.97
C PRO A 21 20.42 1.16 -3.97
N ARG A 22 19.38 0.34 -4.08
CA ARG A 22 18.17 0.67 -4.81
C ARG A 22 17.33 1.74 -4.10
N PHE A 23 16.88 2.73 -4.88
CA PHE A 23 16.04 3.83 -4.38
C PHE A 23 14.70 3.80 -5.11
N ILE A 24 13.62 3.76 -4.32
CA ILE A 24 12.25 3.68 -4.81
C ILE A 24 11.44 4.82 -4.19
N VAL A 25 10.70 5.53 -5.04
CA VAL A 25 9.75 6.56 -4.62
C VAL A 25 8.38 6.19 -5.15
N VAL A 26 7.36 6.30 -4.29
CA VAL A 26 5.98 6.31 -4.73
C VAL A 26 5.27 7.47 -4.09
N GLY A 27 4.41 8.11 -4.88
CA GLY A 27 3.61 9.23 -4.43
C GLY A 27 2.15 8.90 -4.55
N TYR A 28 1.36 9.36 -3.57
CA TYR A 28 -0.08 9.13 -3.48
C TYR A 28 -0.86 10.42 -3.31
N VAL A 29 -2.01 10.51 -3.99
CA VAL A 29 -3.06 11.44 -3.62
C VAL A 29 -4.17 10.54 -3.09
N ASP A 30 -4.52 10.72 -1.80
CA ASP A 30 -5.47 9.85 -1.11
C ASP A 30 -5.09 8.37 -1.28
N ASP A 31 -6.00 7.52 -1.78
CA ASP A 31 -5.72 6.10 -2.03
C ASP A 31 -5.22 5.81 -3.46
N THR A 32 -4.78 6.83 -4.21
CA THR A 32 -4.40 6.65 -5.62
C THR A 32 -2.90 6.91 -5.81
N GLN A 33 -2.17 5.88 -6.24
CA GLN A 33 -0.77 6.06 -6.63
C GLN A 33 -0.72 6.86 -7.92
N PHE A 34 0.05 7.94 -7.94
CA PHE A 34 0.11 8.84 -9.10
C PHE A 34 1.49 8.99 -9.75
N VAL A 35 2.58 8.74 -9.01
CA VAL A 35 3.94 8.80 -9.56
C VAL A 35 4.83 7.74 -8.90
N SER A 36 5.88 7.36 -9.62
CA SER A 36 6.89 6.47 -9.07
C SER A 36 8.28 6.70 -9.67
N PHE A 37 9.27 6.18 -8.98
CA PHE A 37 10.66 6.20 -9.42
C PHE A 37 11.32 4.97 -8.85
N ASP A 38 12.16 4.33 -9.66
CA ASP A 38 12.88 3.12 -9.26
C ASP A 38 14.25 3.13 -9.94
N SER A 39 15.30 3.18 -9.12
CA SER A 39 16.67 3.29 -9.65
C SER A 39 17.16 2.01 -10.37
N ASP A 40 16.52 0.86 -10.14
CA ASP A 40 16.80 -0.33 -10.94
C ASP A 40 16.38 -0.23 -12.41
N SER A 41 15.54 0.75 -12.80
CA SER A 41 15.27 0.97 -14.23
C SER A 41 16.52 1.49 -14.88
N GLU A 42 16.79 1.07 -16.10
CA GLU A 42 17.79 1.73 -16.92
C GLU A 42 17.34 3.16 -17.20
N ASN A 43 18.22 4.14 -16.98
CA ASN A 43 17.95 5.55 -17.25
C ASN A 43 16.68 6.00 -16.50
N PRO A 44 16.69 5.80 -15.17
CA PRO A 44 15.45 5.87 -14.39
C PRO A 44 14.88 7.28 -14.34
N LYS A 45 13.58 7.39 -14.51
CA LYS A 45 12.89 8.68 -14.48
C LYS A 45 11.71 8.61 -13.52
N MET A 46 11.25 9.79 -13.10
CA MET A 46 9.96 9.87 -12.44
C MET A 46 8.91 9.54 -13.49
N GLU A 47 7.98 8.66 -13.14
CA GLU A 47 6.97 8.19 -14.07
C GLU A 47 5.55 8.44 -13.55
N PRO A 48 4.62 8.76 -14.47
CA PRO A 48 3.21 8.76 -14.10
C PRO A 48 2.71 7.35 -13.82
N ARG A 49 1.95 7.17 -12.74
CA ARG A 49 1.22 5.93 -12.46
C ARG A 49 -0.29 6.12 -12.61
N ALA A 50 -0.72 7.33 -12.92
CA ALA A 50 -2.12 7.60 -13.24
C ALA A 50 -2.13 8.29 -14.59
N ARG A 51 -3.09 7.93 -15.42
CA ARG A 51 -3.26 8.49 -16.75
C ARG A 51 -3.35 10.01 -16.77
N TRP A 52 -4.11 10.56 -15.84
CA TRP A 52 -4.30 12.02 -15.73
C TRP A 52 -3.04 12.83 -15.42
N MET A 53 -1.97 12.17 -14.92
CA MET A 53 -0.69 12.85 -14.71
C MET A 53 0.05 13.17 -16.01
N GLU A 54 -0.31 12.54 -17.12
CA GLU A 54 0.19 12.94 -18.45
C GLU A 54 -0.13 14.40 -18.81
N GLN A 55 -1.05 15.03 -18.09
CA GLN A 55 -1.29 16.46 -18.25
C GLN A 55 -0.13 17.35 -17.78
N GLU A 56 0.74 16.86 -16.88
CA GLU A 56 1.93 17.62 -16.50
C GLU A 56 2.92 17.56 -17.66
N GLY A 57 3.43 18.73 -18.02
CA GLY A 57 4.32 18.86 -19.15
C GLY A 57 5.74 18.41 -18.85
N PRO A 58 6.62 18.47 -19.88
CA PRO A 58 7.98 17.98 -19.77
C PRO A 58 8.81 18.55 -18.61
N GLU A 59 8.66 19.84 -18.31
CA GLU A 59 9.45 20.50 -17.28
C GLU A 59 9.17 19.87 -15.91
N TYR A 60 7.90 19.51 -15.64
CA TYR A 60 7.56 18.82 -14.40
C TYR A 60 8.35 17.50 -14.26
N TRP A 61 8.34 16.68 -15.30
CA TRP A 61 8.98 15.37 -15.26
C TRP A 61 10.50 15.43 -15.15
N GLU A 62 11.09 16.39 -15.84
CA GLU A 62 12.53 16.55 -15.83
C GLU A 62 13.00 17.06 -14.47
N ARG A 63 12.31 18.02 -13.88
CA ARG A 63 12.69 18.54 -12.57
C ARG A 63 12.46 17.49 -11.46
N GLU A 64 11.36 16.73 -11.53
CA GLU A 64 11.09 15.68 -10.55
C GLU A 64 12.08 14.52 -10.68
N THR A 65 12.46 14.18 -11.92
CA THR A 65 13.49 13.16 -12.17
C THR A 65 14.84 13.54 -11.54
N TRP A 66 15.26 14.77 -11.80
CA TRP A 66 16.51 15.32 -11.26
C TRP A 66 16.52 15.31 -9.71
N LYS A 67 15.43 15.78 -9.11
CA LYS A 67 15.27 15.74 -7.66
C LYS A 67 15.33 14.31 -7.12
N ALA A 68 14.61 13.40 -7.75
CA ALA A 68 14.66 12.00 -7.36
C ALA A 68 16.06 11.41 -7.42
N ARG A 69 16.73 11.59 -8.55
CA ARG A 69 18.09 11.08 -8.73
C ARG A 69 19.03 11.61 -7.65
N ASP A 70 19.00 12.92 -7.42
CA ASP A 70 19.80 13.53 -6.39
C ASP A 70 19.41 13.04 -4.98
N MET A 71 18.12 12.87 -4.75
CA MET A 71 17.64 12.36 -3.47
C MET A 71 18.16 10.92 -3.22
N GLY A 72 18.11 10.07 -4.26
CA GLY A 72 18.68 8.73 -4.19
C GLY A 72 20.15 8.70 -3.79
N ARG A 73 20.93 9.61 -4.38
CA ARG A 73 22.32 9.81 -3.99
C ARG A 73 22.47 10.17 -2.48
N ASN A 74 21.61 11.07 -2.00
CA ASN A 74 21.68 11.44 -0.58
C ASN A 74 21.26 10.32 0.37
N PHE A 75 20.32 9.49 -0.06
CA PHE A 75 19.94 8.33 0.71
C PHE A 75 21.12 7.36 0.81
N ARG A 76 21.89 7.25 -0.27
CA ARG A 76 23.09 6.45 -0.28
C ARG A 76 24.15 6.95 0.69
N VAL A 77 24.40 8.25 0.69
CA VAL A 77 25.28 8.88 1.66
C VAL A 77 24.76 8.57 3.07
N ASN A 78 23.48 8.83 3.31
CA ASN A 78 22.85 8.53 4.60
C ASN A 78 23.02 7.07 5.04
N LEU A 79 22.86 6.13 4.13
CA LEU A 79 23.08 4.71 4.49
C LEU A 79 24.52 4.48 4.97
N ARG A 80 25.50 5.04 4.25
CA ARG A 80 26.89 4.94 4.66
C ARG A 80 27.13 5.62 6.02
N THR A 81 26.58 6.81 6.21
CA THR A 81 26.68 7.51 7.47
C THR A 81 26.18 6.64 8.63
N LEU A 82 25.01 6.02 8.50
CA LEU A 82 24.45 5.21 9.60
C LEU A 82 25.22 3.90 9.84
N LEU A 83 25.70 3.26 8.76
CA LEU A 83 26.64 2.13 8.92
C LEU A 83 27.79 2.53 9.83
N GLY A 84 28.35 3.72 9.61
CA GLY A 84 29.41 4.28 10.44
C GLY A 84 28.99 4.59 11.88
N TYR A 85 27.82 5.22 12.08
CA TYR A 85 27.33 5.49 13.45
C TYR A 85 27.25 4.22 14.29
N TYR A 86 26.73 3.17 13.68
CA TYR A 86 26.46 1.92 14.35
C TYR A 86 27.56 0.87 14.26
N ASN A 87 28.61 1.12 13.47
CA ASN A 87 29.67 0.15 13.20
C ASN A 87 29.09 -1.18 12.74
N GLN A 88 28.26 -1.10 11.69
CA GLN A 88 27.59 -2.31 11.18
C GLN A 88 28.34 -2.95 10.01
N SER A 89 28.02 -4.22 9.78
CA SER A 89 28.59 -5.01 8.68
C SER A 89 27.91 -4.70 7.34
N LYS A 90 28.71 -4.67 6.27
CA LYS A 90 28.17 -4.64 4.91
C LYS A 90 27.62 -5.99 4.44
N ASP A 91 27.88 -7.08 5.17
CA ASP A 91 27.28 -8.37 4.80
C ASP A 91 25.76 -8.38 4.96
N GLU A 92 25.21 -7.55 5.85
CA GLU A 92 23.75 -7.39 5.96
C GLU A 92 23.27 -6.22 5.07
N SER A 93 22.04 -6.34 4.59
CA SER A 93 21.39 -5.21 3.93
C SER A 93 20.77 -4.31 5.00
N HIS A 94 20.68 -3.03 4.69
CA HIS A 94 20.04 -2.08 5.55
C HIS A 94 19.09 -1.24 4.73
N THR A 95 18.09 -0.69 5.42
CA THR A 95 17.01 0.03 4.79
C THR A 95 16.77 1.37 5.47
N LEU A 96 16.66 2.41 4.65
CA LEU A 96 16.25 3.72 5.09
C LEU A 96 14.93 4.06 4.42
N GLN A 97 13.94 4.46 5.23
CA GLN A 97 12.64 4.87 4.72
C GLN A 97 12.30 6.29 5.16
N TRP A 98 11.61 7.04 4.29
CA TRP A 98 11.16 8.41 4.55
C TRP A 98 9.73 8.55 4.05
N MET A 99 8.83 8.97 4.94
CA MET A 99 7.46 9.29 4.58
C MET A 99 7.20 10.74 4.97
N TYR A 100 6.64 11.50 4.03
CA TYR A 100 6.15 12.84 4.31
C TYR A 100 4.91 13.18 3.49
N GLY A 101 4.23 14.22 3.94
CA GLY A 101 2.98 14.60 3.31
C GLY A 101 2.14 15.57 4.09
N CYS A 102 1.07 16.03 3.42
CA CYS A 102 0.12 16.96 4.01
C CYS A 102 -1.30 16.40 3.91
N ASP A 103 -2.08 16.59 4.98
CA ASP A 103 -3.53 16.42 4.96
C ASP A 103 -4.16 17.80 4.90
N VAL A 104 -5.17 17.94 4.05
CA VAL A 104 -5.90 19.21 3.95
C VAL A 104 -7.37 18.95 4.17
N GLY A 105 -8.04 19.87 4.85
CA GLY A 105 -9.45 19.74 5.16
C GLY A 105 -10.31 20.24 4.01
N PRO A 106 -11.65 20.15 4.16
CA PRO A 106 -12.60 20.58 3.10
C PRO A 106 -12.37 22.00 2.60
N ASP A 107 -11.93 22.88 3.50
CA ASP A 107 -11.55 24.26 3.14
C ASP A 107 -10.27 24.42 2.32
N GLY A 108 -9.52 23.33 2.08
CA GLY A 108 -8.24 23.39 1.38
C GLY A 108 -7.06 23.84 2.23
N ARG A 109 -7.27 23.99 3.53
CA ARG A 109 -6.22 24.38 4.47
C ARG A 109 -5.55 23.16 5.10
N LEU A 110 -4.29 23.33 5.48
CA LEU A 110 -3.49 22.26 6.08
C LEU A 110 -4.05 21.82 7.43
N LEU A 111 -4.45 20.56 7.54
CA LEU A 111 -4.80 19.97 8.82
C LEU A 111 -3.56 19.49 9.56
N ARG A 112 -2.68 18.77 8.85
CA ARG A 112 -1.38 18.40 9.40
C ARG A 112 -0.33 18.00 8.39
N GLY A 113 0.93 18.19 8.79
CA GLY A 113 2.11 17.85 8.01
C GLY A 113 2.84 16.71 8.69
N TYR A 114 3.51 15.88 7.89
CA TYR A 114 4.26 14.71 8.39
C TYR A 114 5.61 14.67 7.72
N CYS A 115 6.64 14.30 8.48
CA CYS A 115 7.97 14.10 7.94
C CYS A 115 8.77 13.21 8.89
N GLN A 116 8.93 11.94 8.52
CA GLN A 116 9.56 10.98 9.42
C GLN A 116 10.33 9.86 8.69
N GLU A 117 11.41 9.43 9.35
CA GLU A 117 12.33 8.42 8.83
C GLU A 117 12.52 7.25 9.77
N ALA A 118 12.76 6.10 9.17
CA ALA A 118 13.05 4.87 9.86
C ALA A 118 14.30 4.23 9.29
N TYR A 119 15.10 3.64 10.18
CA TYR A 119 16.25 2.85 9.80
C TYR A 119 16.00 1.41 10.20
N ASP A 120 16.15 0.51 9.23
CA ASP A 120 15.87 -0.91 9.41
C ASP A 120 14.55 -1.21 10.09
N GLY A 121 13.50 -0.55 9.61
CA GLY A 121 12.15 -0.79 10.10
C GLY A 121 11.79 -0.17 11.43
N GLN A 122 12.65 0.65 12.02
CA GLN A 122 12.38 1.29 13.29
C GLN A 122 12.48 2.79 13.16
N ASP A 123 11.61 3.51 13.88
CA ASP A 123 11.66 4.97 13.98
C ASP A 123 13.07 5.44 14.29
N TYR A 124 13.53 6.42 13.51
CA TYR A 124 14.84 7.00 13.67
C TYR A 124 14.68 8.45 14.12
N ILE A 125 14.08 9.27 13.27
CA ILE A 125 13.84 10.67 13.56
C ILE A 125 12.52 11.10 12.93
N SER A 126 11.82 11.99 13.62
CA SER A 126 10.51 12.46 13.20
C SER A 126 10.38 13.96 13.41
N LEU A 127 9.77 14.66 12.45
CA LEU A 127 9.40 16.07 12.64
C LEU A 127 8.13 16.10 13.49
N ASN A 128 8.15 16.82 14.59
CA ASN A 128 6.98 16.93 15.46
C ASN A 128 5.84 17.68 14.78
N GLU A 129 4.64 17.53 15.33
CA GLU A 129 3.43 18.08 14.70
C GLU A 129 3.48 19.59 14.56
N ASP A 130 4.17 20.27 15.47
CA ASP A 130 4.40 21.71 15.31
C ASP A 130 5.25 22.10 14.09
N LEU A 131 5.87 21.10 13.43
CA LEU A 131 6.75 21.33 12.27
C LEU A 131 7.96 22.20 12.57
N ARG A 132 8.36 22.23 13.84
CA ARG A 132 9.43 23.09 14.34
C ARG A 132 10.53 22.36 15.10
N SER A 133 10.24 21.17 15.60
CA SER A 133 11.16 20.41 16.43
C SER A 133 11.13 18.94 16.03
N TRP A 134 12.23 18.27 16.34
CA TRP A 134 12.45 16.87 15.99
C TRP A 134 12.39 16.01 17.23
N THR A 135 11.80 14.82 17.08
CA THR A 135 11.93 13.75 18.05
C THR A 135 12.92 12.72 17.48
N ALA A 136 14.01 12.54 18.22
CA ALA A 136 15.00 11.50 17.98
C ALA A 136 14.67 10.30 18.85
N THR A 137 15.41 9.22 18.64
CA THR A 137 15.12 7.95 19.28
C THR A 137 16.31 7.39 20.05
N ASP A 138 17.45 7.29 19.42
CA ASP A 138 18.67 6.81 20.06
C ASP A 138 19.72 7.88 19.88
N PHE A 139 20.96 7.64 20.30
CA PHE A 139 21.93 8.73 20.24
C PHE A 139 22.59 8.89 18.86
N ALA A 140 22.44 7.91 17.97
CA ALA A 140 22.73 8.14 16.56
C ALA A 140 21.76 9.18 15.97
N SER A 141 20.47 9.01 16.19
CA SER A 141 19.49 9.98 15.70
C SER A 141 19.59 11.34 16.42
N GLN A 142 20.10 11.37 17.66
CA GLN A 142 20.47 12.65 18.31
C GLN A 142 21.51 13.42 17.50
N ILE A 143 22.52 12.71 16.99
CA ILE A 143 23.52 13.34 16.14
C ILE A 143 22.83 13.94 14.90
N SER A 144 22.01 13.13 14.25
CA SER A 144 21.25 13.56 13.07
C SER A 144 20.34 14.74 13.38
N LYS A 145 19.71 14.72 14.55
CA LYS A 145 18.88 15.83 15.00
C LYS A 145 19.69 17.11 15.11
N HIS A 146 20.86 17.03 15.76
CA HIS A 146 21.75 18.18 15.90
C HIS A 146 22.12 18.79 14.54
N LYS A 147 22.49 17.95 13.59
CA LYS A 147 22.84 18.40 12.23
C LYS A 147 21.68 19.10 11.52
N SER A 148 20.46 18.56 11.68
CA SER A 148 19.26 19.19 11.11
C SER A 148 18.93 20.50 11.80
N GLU A 149 19.15 20.59 13.11
CA GLU A 149 19.00 21.87 13.81
C GLU A 149 20.01 22.90 13.31
N MET A 150 21.23 22.47 13.02
CA MET A 150 22.28 23.37 12.52
C MET A 150 21.97 23.98 11.16
N VAL A 151 21.42 23.20 10.23
CA VAL A 151 21.02 23.74 8.93
C VAL A 151 19.55 24.19 8.86
N ASP A 152 18.93 24.42 10.02
CA ASP A 152 17.50 24.70 10.12
C ASP A 152 16.65 23.89 9.13
N GLU A 153 16.80 22.57 9.22
CA GLU A 153 16.08 21.66 8.35
C GLU A 153 14.58 21.76 8.55
N ALA A 154 14.13 21.94 9.79
CA ALA A 154 12.72 22.07 10.10
C ALA A 154 12.04 23.20 9.32
N HIS A 155 12.75 24.32 9.17
CA HIS A 155 12.23 25.46 8.42
C HIS A 155 11.99 25.11 6.96
N GLN A 156 12.91 24.35 6.37
CA GLN A 156 12.78 23.94 4.96
C GLN A 156 11.63 22.94 4.79
N GLN A 157 11.52 21.96 5.68
CA GLN A 157 10.46 20.96 5.57
C GLN A 157 9.09 21.58 5.88
N ARG A 158 9.02 22.40 6.93
CA ARG A 158 7.79 23.12 7.29
C ARG A 158 7.25 24.00 6.14
N ALA A 159 8.15 24.74 5.50
CA ALA A 159 7.79 25.62 4.41
C ALA A 159 7.22 24.85 3.22
N TYR A 160 7.81 23.69 2.92
CA TYR A 160 7.30 22.80 1.89
C TYR A 160 5.90 22.26 2.24
N LEU A 161 5.76 21.74 3.44
CA LEU A 161 4.52 21.11 3.89
C LEU A 161 3.34 22.10 3.98
N GLN A 162 3.62 23.34 4.39
CA GLN A 162 2.60 24.41 4.49
C GLN A 162 2.25 25.08 3.15
N GLY A 163 3.20 25.13 2.23
CA GLY A 163 3.03 25.84 0.97
C GLY A 163 2.88 24.91 -0.22
N PRO A 164 4.00 24.60 -0.90
CA PRO A 164 3.95 23.73 -2.07
C PRO A 164 3.21 22.37 -1.90
N CYS A 165 3.32 21.70 -0.75
CA CYS A 165 2.62 20.42 -0.58
C CYS A 165 1.12 20.63 -0.75
N VAL A 166 0.60 21.66 -0.10
CA VAL A 166 -0.82 22.00 -0.14
C VAL A 166 -1.24 22.41 -1.56
N GLU A 167 -0.41 23.24 -2.19
CA GLU A 167 -0.75 23.75 -3.52
C GLU A 167 -0.74 22.64 -4.57
N TRP A 168 0.29 21.78 -4.53
CA TRP A 168 0.37 20.66 -5.44
C TRP A 168 -0.77 19.68 -5.22
N LEU A 169 -1.14 19.43 -3.97
CA LEU A 169 -2.31 18.60 -3.70
C LEU A 169 -3.57 19.18 -4.39
N HIS A 170 -3.76 20.48 -4.31
CA HIS A 170 -4.91 21.15 -4.94
C HIS A 170 -4.86 20.98 -6.46
N THR A 171 -3.65 21.11 -7.01
CA THR A 171 -3.43 20.94 -8.45
C THR A 171 -3.75 19.51 -8.92
N TYR A 172 -3.23 18.50 -8.22
CA TYR A 172 -3.48 17.11 -8.59
C TYR A 172 -4.94 16.71 -8.48
N LEU A 173 -5.61 17.21 -7.42
CA LEU A 173 -7.06 17.04 -7.26
C LEU A 173 -7.86 17.59 -8.46
N ARG A 174 -7.43 18.73 -9.00
CA ARG A 174 -8.03 19.31 -10.20
C ARG A 174 -7.70 18.47 -11.43
N LEU A 175 -6.43 18.22 -11.68
CA LEU A 175 -6.02 17.42 -12.84
C LEU A 175 -6.65 16.02 -12.86
N GLY A 176 -6.76 15.39 -11.69
CA GLY A 176 -7.31 14.04 -11.59
C GLY A 176 -8.71 13.95 -11.03
N ASN A 177 -9.48 15.04 -11.11
CA ASN A 177 -10.76 15.10 -10.37
C ASN A 177 -11.74 13.96 -10.71
N LYS A 178 -11.83 13.57 -11.98
CA LYS A 178 -12.80 12.53 -12.37
C LYS A 178 -12.50 11.21 -11.67
N THR A 179 -11.23 10.83 -11.65
CA THR A 179 -10.75 9.64 -10.96
C THR A 179 -10.79 9.81 -9.45
N LEU A 180 -10.19 10.89 -8.98
CA LEU A 180 -9.93 11.07 -7.57
C LEU A 180 -11.20 11.34 -6.75
N LYS A 181 -12.19 12.01 -7.35
CA LYS A 181 -13.45 12.28 -6.66
C LYS A 181 -14.59 11.32 -7.03
N ARG A 182 -14.28 10.19 -7.69
CA ARG A 182 -15.34 9.33 -8.24
C ARG A 182 -16.33 8.68 -7.24
N SER A 183 -15.93 8.49 -5.97
CA SER A 183 -16.77 7.77 -4.99
C SER A 183 -17.51 6.55 -5.55
N ASP A 184 -16.76 5.59 -6.08
CA ASP A 184 -17.34 4.34 -6.59
C ASP A 184 -17.86 3.50 -5.41
N PRO A 185 -19.19 3.29 -5.33
CA PRO A 185 -19.69 2.45 -4.26
C PRO A 185 -19.37 0.99 -4.54
N PRO A 186 -19.30 0.16 -3.48
CA PRO A 186 -19.13 -1.27 -3.67
C PRO A 186 -20.36 -1.90 -4.31
N LYS A 187 -20.11 -2.85 -5.19
CA LYS A 187 -21.15 -3.75 -5.67
C LYS A 187 -21.01 -4.92 -4.74
N ALA A 188 -22.09 -5.25 -4.06
CA ALA A 188 -22.07 -6.21 -2.97
C ALA A 188 -22.98 -7.38 -3.26
N HIS A 189 -22.56 -8.57 -2.82
CA HIS A 189 -23.45 -9.73 -2.83
C HIS A 189 -23.01 -10.73 -1.75
N VAL A 190 -23.93 -11.61 -1.35
CA VAL A 190 -23.67 -12.66 -0.38
C VAL A 190 -23.58 -14.01 -1.08
N THR A 191 -22.51 -14.77 -0.82
CA THR A 191 -22.37 -16.14 -1.33
C THR A 191 -22.51 -17.18 -0.22
N HIS A 192 -22.68 -18.43 -0.63
CA HIS A 192 -23.13 -19.53 0.24
C HIS A 192 -22.25 -20.74 0.00
N HIS A 193 -21.58 -21.22 1.06
CA HIS A 193 -20.58 -22.28 0.93
C HIS A 193 -20.80 -23.34 2.01
N PRO A 194 -21.56 -24.41 1.68
CA PRO A 194 -21.82 -25.46 2.67
C PRO A 194 -20.53 -25.95 3.34
N ARG A 195 -20.54 -26.02 4.67
CA ARG A 195 -19.34 -26.20 5.47
C ARG A 195 -19.22 -27.58 6.11
N SER A 196 -20.32 -28.11 6.64
CA SER A 196 -20.26 -29.41 7.32
C SER A 196 -21.62 -30.08 7.54
N GLU A 197 -22.48 -30.09 6.52
CA GLU A 197 -23.82 -30.71 6.61
C GLU A 197 -24.77 -30.00 7.61
N ASP A 198 -24.28 -29.67 8.80
CA ASP A 198 -24.99 -28.84 9.77
C ASP A 198 -24.73 -27.32 9.63
N TYR A 199 -23.58 -26.93 9.09
CA TYR A 199 -23.17 -25.52 9.08
C TYR A 199 -22.73 -25.04 7.69
N VAL A 200 -22.89 -23.73 7.47
CA VAL A 200 -22.55 -23.10 6.19
C VAL A 200 -21.83 -21.77 6.44
N THR A 201 -21.00 -21.37 5.48
CA THR A 201 -20.36 -20.06 5.49
C THR A 201 -21.16 -19.10 4.59
N LEU A 202 -21.57 -17.97 5.16
CA LEU A 202 -22.10 -16.84 4.40
C LEU A 202 -20.97 -15.83 4.24
N ARG A 203 -20.62 -15.50 3.00
CA ARG A 203 -19.55 -14.56 2.71
C ARG A 203 -20.14 -13.37 1.98
N CYS A 204 -19.98 -12.20 2.58
CA CYS A 204 -20.46 -10.95 2.01
C CYS A 204 -19.34 -10.26 1.27
N TRP A 205 -19.58 -9.92 0.00
CA TRP A 205 -18.54 -9.39 -0.89
C TRP A 205 -18.77 -7.89 -1.15
N ALA A 206 -17.68 -7.13 -1.17
CA ALA A 206 -17.71 -5.73 -1.56
C ALA A 206 -16.65 -5.53 -2.64
N LEU A 207 -17.08 -5.17 -3.85
CA LEU A 207 -16.17 -5.14 -5.02
C LEU A 207 -16.23 -3.80 -5.73
N GLY A 208 -15.13 -3.46 -6.40
CA GLY A 208 -15.05 -2.30 -7.28
C GLY A 208 -15.31 -0.94 -6.66
N PHE A 209 -14.83 -0.75 -5.43
CA PHE A 209 -15.10 0.51 -4.69
C PHE A 209 -13.88 1.41 -4.51
N TYR A 210 -14.15 2.70 -4.35
CA TYR A 210 -13.12 3.71 -4.12
C TYR A 210 -13.76 4.92 -3.45
N PRO A 211 -13.19 5.48 -2.36
CA PRO A 211 -11.91 5.10 -1.74
C PRO A 211 -11.92 3.78 -0.97
N ALA A 212 -10.80 3.42 -0.36
CA ALA A 212 -10.65 2.12 0.29
C ALA A 212 -11.46 1.99 1.59
N ASP A 213 -11.66 3.09 2.29
CA ASP A 213 -12.36 3.05 3.57
C ASP A 213 -13.79 2.52 3.39
N ILE A 214 -14.11 1.46 4.13
CA ILE A 214 -15.41 0.81 4.02
C ILE A 214 -15.73 0.17 5.38
N THR A 215 -17.01 -0.07 5.65
CA THR A 215 -17.36 -0.97 6.74
C THR A 215 -18.28 -2.06 6.21
N LEU A 216 -17.93 -3.29 6.57
CA LEU A 216 -18.57 -4.48 6.12
C LEU A 216 -18.80 -5.31 7.38
N THR A 217 -20.06 -5.41 7.81
CA THR A 217 -20.38 -6.07 9.09
C THR A 217 -21.53 -7.07 8.94
N TRP A 218 -21.56 -8.05 9.85
CA TRP A 218 -22.60 -9.08 9.89
C TRP A 218 -23.38 -9.00 11.21
N GLN A 219 -24.69 -9.21 11.12
CA GLN A 219 -25.58 -9.24 12.27
C GLN A 219 -26.45 -10.49 12.28
N LEU A 220 -26.77 -10.97 13.49
CA LEU A 220 -27.75 -12.02 13.71
C LEU A 220 -28.93 -11.35 14.40
N ASN A 221 -30.04 -11.19 13.67
CA ASN A 221 -31.24 -10.51 14.20
C ASN A 221 -30.91 -9.16 14.82
N GLY A 222 -30.14 -8.36 14.09
CA GLY A 222 -29.75 -7.02 14.56
C GLY A 222 -28.58 -6.97 15.53
N GLU A 223 -28.12 -8.10 16.06
CA GLU A 223 -26.96 -8.15 16.95
C GLU A 223 -25.66 -8.20 16.13
N GLU A 224 -24.76 -7.26 16.38
CA GLU A 224 -23.46 -7.21 15.68
C GLU A 224 -22.61 -8.40 16.11
N LEU A 225 -22.09 -9.16 15.14
CA LEU A 225 -21.30 -10.35 15.44
C LEU A 225 -19.79 -10.06 15.51
N THR A 226 -19.44 -9.17 16.44
CA THR A 226 -18.08 -8.64 16.56
C THR A 226 -17.04 -9.68 16.98
N GLN A 227 -17.48 -10.71 17.72
CA GLN A 227 -16.63 -11.80 18.16
C GLN A 227 -16.54 -12.94 17.14
N ASP A 228 -17.51 -13.05 16.25
CA ASP A 228 -17.64 -14.21 15.36
C ASP A 228 -17.21 -13.99 13.90
N MET A 229 -17.36 -12.77 13.40
CA MET A 229 -17.15 -12.49 12.00
C MET A 229 -15.66 -12.55 11.64
N GLU A 230 -15.37 -13.19 10.51
CA GLU A 230 -14.04 -13.21 9.92
C GLU A 230 -14.06 -12.21 8.79
N PHE A 231 -12.94 -11.54 8.56
CA PHE A 231 -12.81 -10.67 7.40
C PHE A 231 -11.36 -10.54 6.95
N VAL A 232 -11.18 -10.16 5.69
CA VAL A 232 -9.84 -9.95 5.15
C VAL A 232 -9.54 -8.45 5.12
N GLU A 233 -8.25 -8.16 5.03
CA GLU A 233 -7.80 -6.78 4.82
C GLU A 233 -8.31 -6.31 3.47
N THR A 234 -8.73 -5.05 3.41
CA THR A 234 -9.13 -4.41 2.17
C THR A 234 -7.96 -4.49 1.18
N ARG A 235 -8.26 -4.79 -0.08
CA ARG A 235 -7.22 -5.15 -1.04
C ARG A 235 -7.46 -4.55 -2.42
N PRO A 236 -6.37 -4.19 -3.12
CA PRO A 236 -6.57 -3.58 -4.43
C PRO A 236 -7.00 -4.61 -5.48
N ALA A 237 -7.95 -4.24 -6.32
CA ALA A 237 -8.35 -5.05 -7.47
C ALA A 237 -7.25 -5.03 -8.55
N GLY A 238 -6.44 -3.98 -8.56
CA GLY A 238 -5.37 -3.80 -9.53
C GLY A 238 -5.68 -2.71 -10.53
N ASP A 239 -6.94 -2.28 -10.59
CA ASP A 239 -7.41 -1.31 -11.57
C ASP A 239 -7.67 0.07 -10.95
N GLY A 240 -7.24 0.28 -9.70
CA GLY A 240 -7.55 1.50 -8.96
C GLY A 240 -8.65 1.34 -7.89
N ASN A 241 -9.51 0.33 -8.04
CA ASN A 241 -10.55 0.06 -7.04
C ASN A 241 -10.08 -0.91 -5.97
N PHE A 242 -10.93 -1.10 -4.96
CA PHE A 242 -10.64 -1.99 -3.85
C PHE A 242 -11.70 -3.09 -3.67
N GLN A 243 -11.32 -4.11 -2.92
CA GLN A 243 -12.16 -5.25 -2.62
C GLN A 243 -12.11 -5.55 -1.13
N LYS A 244 -13.18 -6.16 -0.62
CA LYS A 244 -13.18 -6.74 0.71
C LYS A 244 -14.27 -7.79 0.83
N TRP A 245 -14.07 -8.76 1.71
CA TRP A 245 -15.16 -9.60 2.18
C TRP A 245 -15.13 -9.84 3.66
N ALA A 246 -16.30 -10.25 4.15
CA ALA A 246 -16.50 -10.60 5.55
C ALA A 246 -17.43 -11.80 5.60
N SER A 247 -17.17 -12.72 6.53
CA SER A 247 -17.89 -13.99 6.58
C SER A 247 -18.27 -14.44 7.99
N VAL A 248 -19.33 -15.24 8.05
CA VAL A 248 -19.78 -15.89 9.28
C VAL A 248 -20.14 -17.34 8.98
N VAL A 249 -19.96 -18.19 9.98
CA VAL A 249 -20.39 -19.58 9.92
C VAL A 249 -21.72 -19.67 10.65
N VAL A 250 -22.75 -20.16 9.97
CA VAL A 250 -24.11 -20.17 10.53
C VAL A 250 -24.78 -21.56 10.40
N PRO A 251 -25.81 -21.83 11.22
CA PRO A 251 -26.53 -23.10 11.07
C PRO A 251 -27.28 -23.18 9.75
N LEU A 252 -27.10 -24.29 9.04
CA LEU A 252 -27.82 -24.53 7.78
C LEU A 252 -29.32 -24.51 8.06
N GLY A 253 -30.07 -23.78 7.23
CA GLY A 253 -31.49 -23.50 7.48
C GLY A 253 -31.82 -22.25 8.30
N LYS A 254 -30.80 -21.59 8.85
CA LYS A 254 -30.99 -20.34 9.62
C LYS A 254 -30.40 -19.10 8.92
N GLU A 255 -30.01 -19.24 7.65
CA GLU A 255 -29.27 -18.18 6.93
C GLU A 255 -30.04 -16.86 6.86
N GLN A 256 -31.36 -16.98 6.73
CA GLN A 256 -32.30 -15.84 6.70
C GLN A 256 -32.20 -14.85 7.87
N ASN A 257 -31.73 -15.33 9.01
CA ASN A 257 -31.62 -14.50 10.21
C ASN A 257 -30.40 -13.57 10.22
N TYR A 258 -29.46 -13.78 9.29
CA TYR A 258 -28.22 -13.01 9.25
C TYR A 258 -28.27 -11.95 8.16
N THR A 259 -27.76 -10.76 8.49
CA THR A 259 -27.65 -9.68 7.52
C THR A 259 -26.22 -9.16 7.42
N CYS A 260 -25.83 -8.85 6.19
CA CYS A 260 -24.60 -8.15 5.90
C CYS A 260 -24.93 -6.67 5.74
N HIS A 261 -24.07 -5.81 6.28
CA HIS A 261 -24.27 -4.37 6.26
C HIS A 261 -23.03 -3.68 5.67
N VAL A 262 -23.25 -2.75 4.74
CA VAL A 262 -22.20 -2.10 3.98
C VAL A 262 -22.35 -0.59 4.05
N GLU A 263 -21.28 0.08 4.49
CA GLU A 263 -21.20 1.53 4.49
C GLU A 263 -19.97 2.01 3.72
N HIS A 264 -20.16 3.10 2.98
CA HIS A 264 -19.14 3.61 2.10
C HIS A 264 -19.55 4.99 1.64
N GLU A 265 -18.56 5.86 1.49
CA GLU A 265 -18.73 7.23 0.95
C GLU A 265 -19.65 7.32 -0.29
N GLY A 266 -19.51 6.38 -1.22
CA GLY A 266 -20.34 6.32 -2.42
C GLY A 266 -21.75 5.78 -2.27
N LEU A 267 -22.13 5.32 -1.07
CA LEU A 267 -23.48 4.87 -0.78
C LEU A 267 -24.22 5.96 0.00
N PRO A 268 -25.23 6.61 -0.62
CA PRO A 268 -25.98 7.62 0.13
C PRO A 268 -26.74 7.02 1.32
N GLU A 269 -27.23 5.78 1.16
CA GLU A 269 -27.72 4.93 2.27
C GLU A 269 -26.89 3.65 2.38
N PRO A 270 -26.72 3.12 3.61
CA PRO A 270 -26.10 1.79 3.79
C PRO A 270 -26.86 0.65 3.11
N LEU A 271 -26.13 -0.41 2.72
CA LEU A 271 -26.76 -1.60 2.14
C LEU A 271 -27.00 -2.63 3.23
N THR A 272 -28.15 -3.28 3.17
CA THR A 272 -28.44 -4.45 3.99
C THR A 272 -28.64 -5.59 3.01
N LEU A 273 -27.98 -6.72 3.22
CA LEU A 273 -28.10 -7.90 2.34
C LEU A 273 -28.34 -9.18 3.12
N ARG A 274 -29.12 -10.07 2.53
CA ARG A 274 -29.28 -11.44 2.99
C ARG A 274 -28.95 -12.35 1.84
N TRP A 275 -28.62 -13.60 2.15
CA TRP A 275 -28.43 -14.61 1.12
C TRP A 275 -29.76 -14.91 0.43
N GLU A 276 -29.76 -14.74 -0.89
CA GLU A 276 -30.91 -15.04 -1.75
C GLU A 276 -30.73 -16.45 -2.32
N PRO A 277 -31.60 -17.41 -1.89
CA PRO A 277 -31.47 -18.79 -2.40
C PRO A 277 -31.68 -19.00 -3.92
N PRO A 278 -32.80 -18.51 -4.50
CA PRO A 278 -33.14 -18.93 -5.86
C PRO A 278 -32.31 -18.24 -6.93
N ILE B 1 13.13 -6.09 13.92
CA ILE B 1 13.93 -6.22 12.66
C ILE B 1 13.22 -6.96 11.51
N GLN B 2 12.49 -8.05 11.82
CA GLN B 2 11.88 -8.92 10.78
C GLN B 2 10.39 -9.21 11.02
N LYS B 3 9.56 -8.95 9.99
CA LYS B 3 8.10 -9.23 10.03
C LYS B 3 7.70 -10.16 8.89
N THR B 4 6.79 -11.08 9.20
CA THR B 4 6.39 -12.18 8.29
C THR B 4 5.30 -11.76 7.30
N PRO B 5 5.54 -11.96 5.98
CA PRO B 5 4.53 -11.52 5.00
C PRO B 5 3.17 -12.21 5.16
N GLN B 6 2.10 -11.42 5.03
CA GLN B 6 0.75 -11.91 4.83
C GLN B 6 0.48 -11.88 3.33
N ILE B 7 -0.32 -12.85 2.86
CA ILE B 7 -0.56 -13.06 1.45
C ILE B 7 -2.05 -13.26 1.20
N GLN B 8 -2.57 -12.57 0.20
CA GLN B 8 -3.90 -12.84 -0.34
C GLN B 8 -3.78 -13.15 -1.84
N VAL B 9 -4.43 -14.21 -2.27
CA VAL B 9 -4.45 -14.62 -3.69
C VAL B 9 -5.91 -14.56 -4.17
N TYR B 10 -6.17 -13.78 -5.21
CA TYR B 10 -7.55 -13.47 -5.60
C TYR B 10 -7.60 -12.88 -6.99
N SER B 11 -8.75 -12.98 -7.65
CA SER B 11 -8.94 -12.45 -8.98
C SER B 11 -9.42 -11.01 -8.93
N ARG B 12 -9.13 -10.28 -9.99
CA ARG B 12 -9.59 -8.91 -10.13
C ARG B 12 -11.10 -8.89 -10.29
N HIS B 13 -11.61 -9.70 -11.23
CA HIS B 13 -13.04 -9.79 -11.51
C HIS B 13 -13.55 -11.12 -10.95
N PRO B 14 -14.88 -11.23 -10.71
CA PRO B 14 -15.44 -12.52 -10.27
C PRO B 14 -15.07 -13.64 -11.26
N PRO B 15 -14.60 -14.79 -10.76
CA PRO B 15 -14.06 -15.81 -11.65
C PRO B 15 -15.15 -16.54 -12.43
N GLU B 16 -15.00 -16.60 -13.75
CA GLU B 16 -15.88 -17.38 -14.62
C GLU B 16 -15.04 -18.33 -15.47
N ASN B 17 -15.28 -19.64 -15.33
CA ASN B 17 -14.48 -20.68 -16.02
C ASN B 17 -14.42 -20.40 -17.51
N GLY B 18 -13.20 -20.31 -18.04
CA GLY B 18 -12.99 -20.00 -19.45
C GLY B 18 -12.82 -18.53 -19.80
N LYS B 19 -13.28 -17.60 -18.96
CA LYS B 19 -13.17 -16.16 -19.26
C LYS B 19 -11.84 -15.56 -18.79
N PRO B 20 -11.20 -14.71 -19.64
CA PRO B 20 -9.93 -14.09 -19.27
C PRO B 20 -10.09 -13.16 -18.07
N ASN B 21 -9.11 -13.16 -17.18
CA ASN B 21 -9.18 -12.44 -15.91
C ASN B 21 -7.74 -12.10 -15.46
N ILE B 22 -7.60 -11.45 -14.31
CA ILE B 22 -6.30 -11.13 -13.72
C ILE B 22 -6.19 -11.76 -12.34
N LEU B 23 -5.12 -12.53 -12.10
CA LEU B 23 -4.83 -13.09 -10.78
C LEU B 23 -3.87 -12.17 -10.00
N ASN B 24 -4.25 -11.85 -8.78
CA ASN B 24 -3.48 -10.96 -7.91
C ASN B 24 -2.87 -11.75 -6.77
N CYS B 25 -1.63 -11.42 -6.46
CA CYS B 25 -1.00 -11.83 -5.21
C CYS B 25 -0.56 -10.57 -4.46
N TYR B 26 -1.24 -10.32 -3.34
CA TYR B 26 -1.06 -9.13 -2.52
C TYR B 26 -0.29 -9.53 -1.30
N VAL B 27 0.93 -9.03 -1.20
CA VAL B 27 1.88 -9.47 -0.17
C VAL B 27 2.20 -8.25 0.69
N THR B 28 1.92 -8.36 1.99
CA THR B 28 1.95 -7.21 2.91
C THR B 28 2.63 -7.53 4.23
N GLN B 29 2.91 -6.47 4.98
CA GLN B 29 3.41 -6.54 6.37
C GLN B 29 4.75 -7.23 6.55
N PHE B 30 5.66 -7.04 5.59
CA PHE B 30 6.97 -7.66 5.66
C PHE B 30 8.10 -6.64 5.74
N HIS B 31 9.22 -7.09 6.30
CA HIS B 31 10.44 -6.30 6.42
C HIS B 31 11.57 -7.32 6.66
N PRO B 32 12.74 -7.22 6.02
CA PRO B 32 13.16 -6.17 5.10
C PRO B 32 12.42 -6.22 3.76
N PRO B 33 12.60 -5.20 2.90
CA PRO B 33 11.84 -5.15 1.65
C PRO B 33 12.24 -6.21 0.59
N HIS B 34 13.44 -6.78 0.66
CA HIS B 34 13.83 -7.82 -0.31
C HIS B 34 12.92 -9.03 -0.15
N ILE B 35 12.27 -9.43 -1.23
CA ILE B 35 11.32 -10.53 -1.21
C ILE B 35 11.29 -11.17 -2.58
N GLU B 36 10.95 -12.46 -2.64
CA GLU B 36 10.81 -13.14 -3.92
C GLU B 36 9.39 -13.66 -4.01
N ILE B 37 8.72 -13.30 -5.10
CA ILE B 37 7.32 -13.62 -5.31
C ILE B 37 7.19 -14.36 -6.64
N GLN B 38 6.63 -15.56 -6.60
CA GLN B 38 6.34 -16.35 -7.79
C GLN B 38 4.87 -16.72 -7.80
N MET B 39 4.25 -16.62 -8.97
CA MET B 39 2.89 -17.08 -9.19
C MET B 39 2.90 -18.35 -10.04
N LEU B 40 2.14 -19.36 -9.61
CA LEU B 40 2.25 -20.70 -10.16
C LEU B 40 0.93 -21.14 -10.80
N LYS B 41 1.04 -21.82 -11.95
CA LYS B 41 -0.08 -22.52 -12.58
C LYS B 41 0.25 -24.00 -12.68
N ASN B 42 -0.53 -24.84 -11.98
CA ASN B 42 -0.27 -26.28 -11.90
C ASN B 42 1.20 -26.57 -11.53
N GLY B 43 1.67 -25.92 -10.47
CA GLY B 43 3.05 -26.11 -9.98
C GLY B 43 4.20 -25.49 -10.79
N LYS B 44 3.90 -24.88 -11.94
CA LYS B 44 4.93 -24.32 -12.82
C LYS B 44 4.99 -22.81 -12.70
N LYS B 45 6.19 -22.27 -12.73
CA LYS B 45 6.41 -20.83 -12.63
C LYS B 45 5.77 -20.13 -13.82
N ILE B 46 4.97 -19.09 -13.55
CA ILE B 46 4.39 -18.27 -14.59
C ILE B 46 5.39 -17.18 -14.96
N PRO B 47 5.83 -17.14 -16.23
CA PRO B 47 6.60 -15.96 -16.68
C PRO B 47 5.65 -14.79 -16.97
N LYS B 48 6.19 -13.58 -16.95
CA LYS B 48 5.40 -12.35 -17.09
C LYS B 48 4.42 -12.18 -15.92
N VAL B 49 5.01 -11.92 -14.74
CA VAL B 49 4.27 -11.54 -13.55
C VAL B 49 4.76 -10.13 -13.23
N GLU B 50 3.88 -9.15 -13.30
CA GLU B 50 4.28 -7.76 -13.02
C GLU B 50 4.10 -7.42 -11.54
N MET B 51 5.08 -6.70 -11.01
CA MET B 51 5.07 -6.28 -9.61
C MET B 51 4.68 -4.81 -9.60
N SER B 52 3.65 -4.46 -8.83
CA SER B 52 3.25 -3.07 -8.69
C SER B 52 3.90 -2.49 -7.45
N ASP B 53 5.01 -1.77 -7.72
CA ASP B 53 5.75 -0.86 -6.83
C ASP B 53 5.57 -0.96 -5.30
N MET B 54 6.72 -0.97 -4.63
CA MET B 54 6.81 -1.33 -3.22
C MET B 54 6.60 -0.09 -2.31
N SER B 55 5.39 0.00 -1.74
CA SER B 55 5.03 1.06 -0.79
C SER B 55 5.05 0.51 0.65
N PHE B 56 4.68 1.35 1.65
CA PHE B 56 4.74 0.93 3.07
C PHE B 56 3.75 1.56 4.04
N SER B 57 3.56 0.88 5.17
CA SER B 57 2.49 1.17 6.12
C SER B 57 2.98 2.02 7.30
N LYS B 58 2.08 2.31 8.22
CA LYS B 58 2.38 3.13 9.39
C LYS B 58 3.44 2.55 10.30
N ASP B 59 3.57 1.23 10.32
CA ASP B 59 4.65 0.54 11.07
C ASP B 59 5.91 0.30 10.22
N TRP B 60 6.01 0.96 9.06
CA TRP B 60 7.15 0.83 8.13
C TRP B 60 7.17 -0.46 7.30
N SER B 61 6.23 -1.38 7.52
CA SER B 61 6.25 -2.66 6.83
C SER B 61 5.77 -2.50 5.39
N PHE B 62 6.30 -3.36 4.52
CA PHE B 62 6.16 -3.17 3.09
C PHE B 62 4.97 -3.91 2.52
N TYR B 63 4.45 -3.38 1.42
CA TYR B 63 3.41 -4.06 0.66
C TYR B 63 3.61 -3.93 -0.84
N ILE B 64 3.18 -4.96 -1.55
CA ILE B 64 3.37 -5.07 -2.98
C ILE B 64 2.27 -5.95 -3.60
N LEU B 65 1.90 -5.61 -4.83
CA LEU B 65 0.92 -6.37 -5.60
C LEU B 65 1.59 -6.97 -6.82
N ALA B 66 1.71 -8.30 -6.82
CA ALA B 66 2.10 -9.06 -7.99
C ALA B 66 0.83 -9.42 -8.74
N HIS B 67 0.85 -9.34 -10.07
CA HIS B 67 -0.32 -9.71 -10.87
C HIS B 67 0.03 -10.28 -12.24
N THR B 68 -0.82 -11.20 -12.69
CA THR B 68 -0.69 -11.81 -14.01
C THR B 68 -2.05 -12.08 -14.66
N GLU B 69 -2.08 -12.09 -15.98
CA GLU B 69 -3.25 -12.52 -16.75
C GLU B 69 -3.46 -14.02 -16.50
N PHE B 70 -4.71 -14.43 -16.36
CA PHE B 70 -5.05 -15.85 -16.29
C PHE B 70 -6.47 -16.11 -16.76
N THR B 71 -6.76 -17.38 -16.99
CA THR B 71 -8.06 -17.83 -17.44
C THR B 71 -8.40 -19.06 -16.60
N PRO B 72 -9.28 -18.91 -15.59
CA PRO B 72 -9.55 -20.05 -14.73
C PRO B 72 -10.34 -21.15 -15.43
N THR B 73 -10.13 -22.39 -15.00
CA THR B 73 -10.91 -23.55 -15.46
C THR B 73 -11.39 -24.33 -14.23
N GLU B 74 -12.15 -25.41 -14.47
CA GLU B 74 -12.66 -26.24 -13.36
C GLU B 74 -11.57 -26.94 -12.55
N THR B 75 -10.49 -27.37 -13.22
CA THR B 75 -9.43 -28.20 -12.59
C THR B 75 -8.04 -27.55 -12.46
N ASP B 76 -7.76 -26.47 -13.19
CA ASP B 76 -6.47 -25.78 -13.08
C ASP B 76 -6.24 -25.25 -11.66
N THR B 77 -4.98 -25.15 -11.27
CA THR B 77 -4.58 -24.74 -9.92
C THR B 77 -3.67 -23.55 -10.07
N TYR B 78 -3.89 -22.54 -9.23
CA TYR B 78 -3.05 -21.36 -9.22
C TYR B 78 -2.59 -21.09 -7.79
N ALA B 79 -1.37 -20.61 -7.66
CA ALA B 79 -0.78 -20.36 -6.36
C ALA B 79 0.18 -19.19 -6.39
N CYS B 80 0.52 -18.69 -5.21
CA CYS B 80 1.54 -17.67 -5.04
C CYS B 80 2.53 -18.20 -4.03
N ARG B 81 3.80 -18.24 -4.41
CA ARG B 81 4.88 -18.70 -3.55
C ARG B 81 5.78 -17.54 -3.23
N VAL B 82 6.06 -17.36 -1.94
CA VAL B 82 6.79 -16.20 -1.45
C VAL B 82 8.00 -16.66 -0.64
N LYS B 83 9.15 -16.07 -0.94
CA LYS B 83 10.40 -16.35 -0.23
C LYS B 83 10.90 -15.06 0.43
N HIS B 84 11.09 -15.12 1.76
CA HIS B 84 11.46 -13.93 2.53
C HIS B 84 12.28 -14.29 3.77
N ALA B 85 13.25 -13.43 4.11
CA ALA B 85 14.21 -13.69 5.20
C ALA B 85 13.59 -14.08 6.55
N SER B 86 12.39 -13.57 6.82
CA SER B 86 11.64 -13.89 8.03
C SER B 86 11.12 -15.33 8.10
N MET B 87 11.12 -16.05 6.98
CA MET B 87 10.59 -17.40 6.89
C MET B 87 11.69 -18.40 6.57
N ALA B 88 11.62 -19.58 7.20
CA ALA B 88 12.63 -20.63 7.01
C ALA B 88 12.52 -21.21 5.61
N GLU B 89 11.30 -21.50 5.19
CA GLU B 89 11.04 -21.99 3.84
C GLU B 89 10.05 -21.07 3.13
N PRO B 90 9.92 -21.23 1.79
CA PRO B 90 8.90 -20.44 1.09
C PRO B 90 7.49 -20.82 1.52
N LYS B 91 6.58 -19.86 1.55
CA LYS B 91 5.18 -20.13 1.84
C LYS B 91 4.43 -20.10 0.53
N THR B 92 3.65 -21.15 0.27
CA THR B 92 2.80 -21.22 -0.90
C THR B 92 1.36 -21.04 -0.45
N VAL B 93 0.63 -20.19 -1.17
CA VAL B 93 -0.79 -19.95 -0.91
C VAL B 93 -1.56 -20.17 -2.21
N TYR B 94 -2.46 -21.16 -2.19
CA TYR B 94 -3.25 -21.51 -3.36
C TYR B 94 -4.43 -20.59 -3.51
N TRP B 95 -4.75 -20.27 -4.76
CA TRP B 95 -5.93 -19.47 -5.08
C TRP B 95 -7.18 -20.27 -4.75
N ASP B 96 -8.08 -19.66 -3.99
CA ASP B 96 -9.40 -20.21 -3.73
C ASP B 96 -10.38 -19.22 -4.34
N ARG B 97 -11.14 -19.70 -5.32
CA ARG B 97 -12.08 -18.83 -6.05
C ARG B 97 -13.18 -18.20 -5.16
N ASP B 98 -13.45 -18.79 -4.01
CA ASP B 98 -14.44 -18.25 -3.07
C ASP B 98 -13.84 -17.30 -2.03
N MET B 99 -12.65 -16.73 -2.30
CA MET B 99 -11.91 -15.97 -1.30
C MET B 99 -11.14 -14.78 -1.87
N ALA C 1 4.22 17.46 -5.99
CA ALA C 1 5.69 17.38 -6.27
C ALA C 1 6.48 17.11 -5.00
N MET C 2 7.65 16.50 -5.14
CA MET C 2 8.41 16.03 -3.98
C MET C 2 9.02 17.16 -3.17
N ALA C 3 9.39 16.83 -1.93
CA ALA C 3 10.13 17.74 -1.07
C ALA C 3 11.39 18.23 -1.80
N PRO C 4 11.77 19.50 -1.62
CA PRO C 4 12.93 20.05 -2.34
C PRO C 4 14.29 19.46 -1.90
N ARG C 5 14.36 18.90 -0.70
CA ARG C 5 15.56 18.22 -0.22
C ARG C 5 15.23 17.25 0.90
N THR C 6 16.15 16.33 1.16
CA THR C 6 15.97 15.35 2.24
C THR C 6 16.90 15.65 3.40
N LEU C 7 16.67 14.98 4.51
CA LEU C 7 17.51 15.15 5.69
C LEU C 7 18.88 14.55 5.42
N LEU C 8 19.92 15.23 5.88
CA LEU C 8 21.27 14.66 5.90
C LEU C 8 21.51 14.21 7.34
N LEU C 9 21.56 12.89 7.49
CA LEU C 9 21.63 12.24 8.80
C LEU C 9 23.05 12.22 9.38
#